data_7HDB
#
_entry.id   7HDB
#
_cell.length_a   88.825
_cell.length_b   88.825
_cell.length_c   39.600
_cell.angle_alpha   90.000
_cell.angle_beta   90.000
_cell.angle_gamma   90.000
#
_symmetry.space_group_name_H-M   'P 43'
#
loop_
_entity.id
_entity.type
_entity.pdbx_description
1 polymer 'Non-structural protein 3'
2 non-polymer 'DIMETHYL SULFOXIDE'
3 non-polymer [(3R)-4-(7H-pyrrolo[2,3-d]pyrimidin-4-yl)morpholin-3-yl]methanol
4 non-polymer [(3S)-4-(7H-pyrrolo[2,3-d]pyrimidin-4-yl)morpholin-3-yl]methanol
5 non-polymer 'CHLORIDE ION'
6 water water
#
_entity_poly.entity_id   1
_entity_poly.type   'polypeptide(L)'
_entity_poly.pdbx_seq_one_letter_code
;SMVNSFSGYLKLTDNVYIKNADIVEEAKKVKPTVVVNAANVYLKHGGGVAGALNKATNNAMQVESDDYIATNGPLKVGGS
CVLSGHNLAKHCLHVVGPNVNKGEDIQLLKSAYENFNQHEVLLAPLLSAGIFGADPIHSLRVCVDTVRTNVYLAVFDKNL
YDKLVSSFL
;
_entity_poly.pdbx_strand_id   A,B
#
# COMPACT_ATOMS: atom_id res chain seq x y z
N VAL A 3 5.31 -0.67 23.58
N VAL A 3 5.27 -0.70 23.73
CA VAL A 3 4.04 -1.03 24.22
CA VAL A 3 3.99 -1.01 24.36
C VAL A 3 2.93 -0.13 23.70
C VAL A 3 2.90 -0.12 23.78
N ASN A 4 1.78 -0.74 23.40
CA ASN A 4 0.61 -0.01 22.93
C ASN A 4 -0.62 -0.50 23.70
N SER A 5 -1.76 0.11 23.43
CA SER A 5 -2.97 -0.09 24.21
C SER A 5 -3.91 -1.15 23.63
N PHE A 6 -3.50 -1.85 22.58
CA PHE A 6 -4.32 -2.95 22.06
C PHE A 6 -4.32 -4.10 23.06
N SER A 7 -5.52 -4.63 23.34
N SER A 7 -5.50 -4.60 23.41
CA SER A 7 -5.71 -5.62 24.39
CA SER A 7 -5.62 -5.62 24.44
C SER A 7 -6.46 -6.84 23.86
C SER A 7 -6.56 -6.74 23.98
N GLY A 8 -6.05 -8.02 24.31
N GLY A 8 -6.28 -7.94 24.45
CA GLY A 8 -6.78 -9.23 24.01
CA GLY A 8 -7.05 -9.10 24.07
C GLY A 8 -6.53 -9.87 22.65
C GLY A 8 -6.66 -9.73 22.75
N TYR A 9 -5.46 -9.48 21.97
N TYR A 9 -5.58 -9.27 22.14
CA TYR A 9 -5.15 -10.03 20.65
CA TYR A 9 -5.16 -9.78 20.84
C TYR A 9 -4.33 -11.32 20.78
C TYR A 9 -4.34 -11.04 20.97
N LEU A 10 -4.58 -12.24 19.86
N LEU A 10 -4.49 -11.93 19.98
CA LEU A 10 -3.71 -13.39 19.66
CA LEU A 10 -3.69 -13.13 19.86
C LEU A 10 -2.58 -12.96 18.73
C LEU A 10 -2.55 -12.84 18.88
N LYS A 11 -1.36 -13.38 19.07
N LYS A 11 -1.31 -12.96 19.36
CA LYS A 11 -0.19 -13.07 18.26
CA LYS A 11 -0.14 -12.73 18.53
C LYS A 11 -0.04 -14.16 17.20
C LYS A 11 0.01 -13.86 17.51
N LEU A 12 -0.04 -13.78 15.93
N LEU A 12 -0.18 -13.53 16.23
CA LEU A 12 0.18 -14.75 14.86
CA LEU A 12 -0.07 -14.51 15.17
C LEU A 12 1.63 -14.81 14.41
C LEU A 12 1.37 -14.66 14.69
N THR A 13 2.30 -13.67 14.31
N THR A 13 2.06 -13.54 14.45
CA THR A 13 3.69 -13.58 13.88
CA THR A 13 3.45 -13.54 14.00
C THR A 13 4.36 -12.46 14.67
C THR A 13 4.21 -12.44 14.73
N ASP A 14 5.60 -12.17 14.31
N ASP A 14 5.43 -12.17 14.27
CA ASP A 14 6.31 -11.06 14.92
CA ASP A 14 6.25 -11.13 14.88
C ASP A 14 5.47 -9.79 14.92
C ASP A 14 5.59 -9.76 14.81
N ASN A 15 4.72 -9.54 13.83
CA ASN A 15 4.10 -8.23 13.63
C ASN A 15 2.59 -8.24 13.40
N VAL A 16 1.96 -9.41 13.32
N VAL A 16 1.93 -9.39 13.44
CA VAL A 16 0.54 -9.51 13.02
CA VAL A 16 0.50 -9.48 13.19
C VAL A 16 -0.19 -10.14 14.21
C VAL A 16 -0.21 -9.97 14.44
N TYR A 17 -1.27 -9.48 14.61
N TYR A 17 -1.31 -9.29 14.81
CA TYR A 17 -2.10 -9.85 15.74
CA TYR A 17 -2.12 -9.61 15.97
C TYR A 17 -3.55 -9.91 15.27
C TYR A 17 -3.58 -9.63 15.56
N ILE A 18 -4.39 -10.70 15.96
N ILE A 18 -4.40 -10.46 16.21
CA ILE A 18 -5.78 -10.90 15.50
CA ILE A 18 -5.80 -10.61 15.84
C ILE A 18 -6.71 -11.06 16.70
C ILE A 18 -6.68 -10.66 17.08
N LYS A 19 -7.95 -10.55 16.55
N LYS A 19 -7.87 -10.07 16.98
CA LYS A 19 -8.94 -10.57 17.61
CA LYS A 19 -8.84 -10.03 18.07
C LYS A 19 -10.34 -10.67 17.00
C LYS A 19 -10.24 -10.19 17.51
N ASN A 20 -11.23 -11.38 17.68
N ASN A 20 -11.08 -10.91 18.25
CA ASN A 20 -12.65 -11.36 17.32
CA ASN A 20 -12.47 -11.12 17.87
C ASN A 20 -13.23 -10.10 17.96
C ASN A 20 -13.26 -9.89 18.32
N ALA A 21 -13.49 -9.09 17.13
N ALA A 21 -13.48 -8.95 17.41
CA ALA A 21 -13.94 -7.81 17.64
CA ALA A 21 -14.15 -7.70 17.78
C ALA A 21 -14.63 -7.03 16.53
C ALA A 21 -14.54 -6.93 16.52
N ASP A 22 -15.52 -6.13 16.96
N ASP A 22 -15.53 -6.04 16.69
CA ASP A 22 -16.15 -5.17 16.08
CA ASP A 22 -15.91 -5.09 15.65
C ASP A 22 -15.18 -4.00 15.89
C ASP A 22 -14.86 -3.99 15.58
N ILE A 23 -14.72 -3.79 14.66
N ILE A 23 -14.35 -3.72 14.37
CA ILE A 23 -13.68 -2.78 14.41
CA ILE A 23 -13.30 -2.70 14.21
C ILE A 23 -14.14 -1.40 14.85
C ILE A 23 -13.78 -1.35 14.72
N VAL A 24 -15.44 -1.11 14.75
N VAL A 24 -15.08 -1.07 14.62
CA VAL A 24 -15.95 0.18 15.20
CA VAL A 24 -15.63 0.19 15.11
C VAL A 24 -15.75 0.33 16.70
C VAL A 24 -15.50 0.26 16.64
N GLU A 25 -16.12 -0.70 17.46
N GLU A 25 -15.85 -0.83 17.32
CA GLU A 25 -15.96 -0.64 18.91
CA GLU A 25 -15.73 -0.86 18.78
C GLU A 25 -14.49 -0.63 19.31
C GLU A 25 -14.26 -0.83 19.20
N GLU A 26 -13.65 -1.38 18.58
N GLU A 26 -13.39 -1.52 18.45
CA GLU A 26 -12.21 -1.36 18.85
CA GLU A 26 -11.95 -1.44 18.74
C GLU A 26 -11.65 0.04 18.67
C GLU A 26 -11.43 -0.03 18.54
N ALA A 27 -11.96 0.68 17.54
CA ALA A 27 -11.46 2.02 17.27
C ALA A 27 -11.91 2.99 18.35
N LYS A 28 -13.19 2.94 18.73
N LYS A 28 -13.18 2.89 18.77
CA LYS A 28 -13.69 3.86 19.74
CA LYS A 28 -13.67 3.73 19.85
C LYS A 28 -12.96 3.70 21.06
C LYS A 28 -12.94 3.46 21.16
N LYS A 29 -12.57 2.47 21.41
N LYS A 29 -12.47 2.23 21.37
CA LYS A 29 -11.87 2.22 22.67
CA LYS A 29 -11.79 1.89 22.62
C LYS A 29 -10.40 2.65 22.59
C LYS A 29 -10.33 2.31 22.61
N VAL A 30 -9.71 2.23 21.54
N VAL A 30 -9.65 2.14 21.47
CA VAL A 30 -8.26 2.43 21.46
CA VAL A 30 -8.21 2.39 21.41
C VAL A 30 -7.90 3.82 20.95
C VAL A 30 -7.89 3.81 20.93
N LYS A 31 -8.70 4.37 20.05
CA LYS A 31 -8.37 5.62 19.36
C LYS A 31 -6.99 5.50 18.71
N PRO A 32 -6.80 4.53 17.83
CA PRO A 32 -5.48 4.30 17.25
C PRO A 32 -5.06 5.46 16.37
N THR A 33 -3.75 5.52 16.12
CA THR A 33 -3.23 6.50 15.17
C THR A 33 -3.84 6.29 13.79
N VAL A 34 -4.00 5.03 13.37
CA VAL A 34 -4.53 4.69 12.05
C VAL A 34 -5.54 3.57 12.18
N VAL A 35 -6.76 3.81 11.70
CA VAL A 35 -7.72 2.75 11.40
C VAL A 35 -7.82 2.60 9.89
N VAL A 36 -7.84 1.35 9.43
N VAL A 36 -7.77 1.36 9.41
CA VAL A 36 -8.00 1.05 8.01
CA VAL A 36 -7.88 1.10 7.98
C VAL A 36 -9.48 0.85 7.70
C VAL A 36 -9.36 0.88 7.64
N ASN A 37 -9.94 1.52 6.64
N ASN A 37 -9.80 1.51 6.56
CA ASN A 37 -11.25 1.27 6.06
CA ASN A 37 -11.12 1.27 6.01
C ASN A 37 -11.13 0.36 4.85
C ASN A 37 -11.00 0.38 4.78
N ALA A 38 -12.08 -0.57 4.73
N ALA A 38 -11.89 -0.62 4.70
CA ALA A 38 -12.27 -1.41 3.54
CA ALA A 38 -11.99 -1.46 3.51
C ALA A 38 -13.05 -0.60 2.50
C ALA A 38 -12.89 -0.75 2.50
N ALA A 39 -12.32 0.24 1.77
N ALA A 39 -12.29 0.19 1.78
CA ALA A 39 -12.89 1.24 0.88
CA ALA A 39 -13.03 1.10 0.92
C ALA A 39 -13.11 0.68 -0.52
C ALA A 39 -13.17 0.51 -0.49
N ASN A 40 -13.94 1.40 -1.29
N ASN A 40 -14.03 1.15 -1.28
CA ASN A 40 -14.01 1.25 -2.74
CA ASN A 40 -14.12 0.91 -2.70
C ASN A 40 -13.43 2.50 -3.41
C ASN A 40 -13.57 2.14 -3.44
N VAL A 41 -13.25 2.43 -4.74
N VAL A 41 -13.42 2.01 -4.77
CA VAL A 41 -12.53 3.49 -5.43
CA VAL A 41 -12.72 3.04 -5.53
C VAL A 41 -13.25 4.83 -5.37
C VAL A 41 -13.43 4.38 -5.49
N TYR A 42 -14.58 4.81 -5.17
N TYR A 42 -14.74 4.39 -5.23
CA TYR A 42 -15.37 6.03 -5.10
CA TYR A 42 -15.52 5.63 -5.19
C TYR A 42 -15.52 6.55 -3.68
C TYR A 42 -15.67 6.21 -3.80
N LEU A 43 -14.95 5.84 -2.71
N LEU A 43 -15.07 5.58 -2.79
CA LEU A 43 -15.14 6.17 -1.29
CA LEU A 43 -15.24 5.96 -1.39
C LEU A 43 -16.62 6.32 -0.93
C LEU A 43 -16.72 6.14 -1.04
N LYS A 44 -17.45 5.43 -1.51
N LYS A 44 -17.54 5.22 -1.54
CA LYS A 44 -18.88 5.37 -1.17
CA LYS A 44 -18.97 5.14 -1.18
C LYS A 44 -19.04 4.32 -0.08
C LYS A 44 -19.08 4.15 -0.03
N HIS A 45 -19.26 4.79 1.14
N HIS A 45 -19.16 4.67 1.20
CA HIS A 45 -19.16 3.93 2.32
CA HIS A 45 -19.18 3.84 2.41
C HIS A 45 -20.54 3.38 2.71
C HIS A 45 -20.62 3.42 2.69
N GLY A 46 -21.05 2.50 1.86
N GLY A 46 -21.03 2.30 2.09
CA GLY A 46 -22.44 2.09 1.96
CA GLY A 46 -22.41 1.86 2.21
C GLY A 46 -22.73 0.92 2.88
C GLY A 46 -22.65 0.78 3.25
N GLY A 47 -21.80 0.00 3.01
N GLY A 47 -21.75 -0.20 3.32
CA GLY A 47 -22.04 -1.24 3.73
CA GLY A 47 -21.97 -1.34 4.20
C GLY A 47 -20.72 -1.87 4.13
C GLY A 47 -20.66 -1.96 4.63
N GLY A 48 -20.82 -3.04 4.77
N GLY A 48 -20.77 -3.06 5.37
CA GLY A 48 -19.63 -3.69 5.25
CA GLY A 48 -19.58 -3.71 5.88
C GLY A 48 -18.91 -2.84 6.29
C GLY A 48 -18.76 -2.77 6.76
N VAL A 49 -17.59 -3.03 6.37
N VAL A 49 -17.44 -2.91 6.68
CA VAL A 49 -16.78 -2.24 7.28
CA VAL A 49 -16.53 -2.08 7.46
C VAL A 49 -16.95 -0.76 7.00
C VAL A 49 -16.79 -0.60 7.16
N ALA A 50 -16.92 -0.36 5.72
N ALA A 50 -16.88 -0.24 5.88
CA ALA A 50 -16.99 1.06 5.38
CA ALA A 50 -16.97 1.17 5.51
C ALA A 50 -18.30 1.67 5.84
C ALA A 50 -18.27 1.79 6.01
N GLY A 51 -19.42 0.99 5.58
N GLY A 51 -19.40 1.12 5.78
CA GLY A 51 -20.70 1.52 6.02
CA GLY A 51 -20.65 1.63 6.30
C GLY A 51 -20.76 1.68 7.53
C GLY A 51 -20.65 1.73 7.81
N ALA A 52 -20.20 0.71 8.26
N ALA A 52 -20.01 0.77 8.48
CA ALA A 52 -20.21 0.76 9.72
CA ALA A 52 -19.92 0.79 9.93
C ALA A 52 -19.33 1.88 10.26
C ALA A 52 -19.06 1.95 10.42
N LEU A 53 -18.10 2.00 9.75
N LEU A 53 -17.87 2.10 9.82
CA LEU A 53 -17.23 3.09 10.20
CA LEU A 53 -17.02 3.24 10.19
C LEU A 53 -17.87 4.44 9.91
C LEU A 53 -17.72 4.55 9.91
N ASN A 54 -18.40 4.62 8.70
N ASN A 54 -18.36 4.68 8.74
CA ASN A 54 -18.98 5.91 8.36
CA ASN A 54 -18.99 5.95 8.39
C ASN A 54 -20.16 6.23 9.28
C ASN A 54 -20.18 6.26 9.28
N LYS A 55 -21.02 5.25 9.55
CA LYS A 55 -22.16 5.46 10.45
C LYS A 55 -21.68 5.94 11.81
N ALA A 56 -20.58 5.36 12.31
CA ALA A 56 -20.04 5.76 13.61
C ALA A 56 -19.52 7.19 13.62
N THR A 57 -19.15 7.75 12.46
CA THR A 57 -18.76 9.16 12.35
C THR A 57 -19.94 10.08 12.07
N ASN A 58 -21.17 9.58 12.12
CA ASN A 58 -22.34 10.41 11.86
C ASN A 58 -22.31 10.98 10.44
N ASN A 59 -21.74 10.21 9.49
CA ASN A 59 -21.64 10.56 8.07
C ASN A 59 -20.53 11.58 7.77
N ALA A 60 -19.75 12.00 8.76
CA ALA A 60 -18.67 12.95 8.48
C ALA A 60 -17.61 12.32 7.57
N MET A 61 -17.36 11.03 7.73
CA MET A 61 -16.43 10.35 6.83
C MET A 61 -16.89 10.45 5.37
N GLN A 62 -18.19 10.25 5.12
CA GLN A 62 -18.70 10.34 3.77
C GLN A 62 -18.58 11.75 3.21
N VAL A 63 -18.92 12.77 4.01
CA VAL A 63 -18.82 14.15 3.56
C VAL A 63 -17.38 14.48 3.15
N GLU A 64 -16.42 14.11 4.01
CA GLU A 64 -15.01 14.34 3.70
C GLU A 64 -14.61 13.60 2.44
N SER A 65 -15.07 12.35 2.31
CA SER A 65 -14.72 11.51 1.17
C SER A 65 -15.26 12.09 -0.13
N ASP A 66 -16.48 12.61 -0.12
CA ASP A 66 -17.05 13.17 -1.34
C ASP A 66 -16.23 14.37 -1.82
N ASP A 67 -15.75 15.20 -0.89
CA ASP A 67 -14.86 16.29 -1.28
C ASP A 67 -13.55 15.75 -1.84
N TYR A 68 -13.00 14.69 -1.23
N TYR A 68 -12.99 14.70 -1.22
CA TYR A 68 -11.76 14.11 -1.73
CA TYR A 68 -11.76 14.11 -1.75
C TYR A 68 -11.92 13.64 -3.18
C TYR A 68 -11.94 13.67 -3.20
N ILE A 69 -13.02 12.94 -3.48
CA ILE A 69 -13.25 12.42 -4.82
C ILE A 69 -13.49 13.56 -5.81
N ALA A 70 -14.25 14.58 -5.40
CA ALA A 70 -14.50 15.70 -6.29
C ALA A 70 -13.19 16.37 -6.71
N THR A 71 -12.21 16.40 -5.82
CA THR A 71 -10.93 17.02 -6.13
C THR A 71 -9.99 16.11 -6.90
N ASN A 72 -9.93 14.82 -6.51
CA ASN A 72 -8.87 13.93 -6.94
C ASN A 72 -9.31 12.81 -7.87
N GLY A 73 -10.60 12.56 -7.99
CA GLY A 73 -11.07 11.42 -8.73
C GLY A 73 -10.92 10.14 -7.94
N PRO A 74 -11.38 9.03 -8.53
CA PRO A 74 -11.39 7.75 -7.80
C PRO A 74 -9.98 7.23 -7.51
N LEU A 75 -9.91 6.42 -6.47
CA LEU A 75 -8.71 5.66 -6.18
C LEU A 75 -8.53 4.56 -7.22
N LYS A 76 -7.36 3.94 -7.21
CA LYS A 76 -7.07 2.71 -7.93
C LYS A 76 -7.42 1.51 -7.06
N VAL A 77 -7.89 0.42 -7.68
CA VAL A 77 -7.94 -0.85 -6.96
C VAL A 77 -6.52 -1.22 -6.58
N GLY A 78 -6.31 -1.53 -5.30
CA GLY A 78 -4.98 -1.72 -4.74
C GLY A 78 -4.39 -0.48 -4.12
N GLY A 79 -5.02 0.68 -4.28
CA GLY A 79 -4.51 1.93 -3.80
C GLY A 79 -5.16 2.37 -2.49
N SER A 80 -4.79 3.56 -2.05
CA SER A 80 -5.23 4.07 -0.76
C SER A 80 -5.13 5.59 -0.73
N CYS A 81 -5.79 6.17 0.28
CA CYS A 81 -5.55 7.56 0.64
C CYS A 81 -5.71 7.69 2.16
N VAL A 82 -5.03 8.70 2.72
CA VAL A 82 -5.12 9.01 4.13
C VAL A 82 -6.08 10.18 4.31
N LEU A 83 -7.12 9.97 5.10
CA LEU A 83 -8.07 11.02 5.45
C LEU A 83 -8.20 11.06 6.97
N SER A 84 -9.09 11.92 7.47
CA SER A 84 -9.28 12.01 8.91
C SER A 84 -9.84 10.72 9.49
N GLY A 85 -9.47 10.43 10.73
CA GLY A 85 -10.10 9.37 11.49
C GLY A 85 -11.30 9.82 12.27
N HIS A 86 -11.66 11.10 12.22
CA HIS A 86 -12.86 11.64 12.87
C HIS A 86 -12.82 11.27 14.35
N ASN A 87 -13.92 10.76 14.91
CA ASN A 87 -14.01 10.38 16.31
C ASN A 87 -13.45 9.00 16.58
N LEU A 88 -12.90 8.31 15.58
CA LEU A 88 -12.51 6.92 15.73
C LEU A 88 -11.00 6.71 15.85
N ALA A 89 -10.20 7.61 15.30
CA ALA A 89 -8.76 7.43 15.18
C ALA A 89 -8.20 8.78 14.76
N LYS A 90 -6.87 8.92 14.84
CA LYS A 90 -6.28 10.15 14.30
C LYS A 90 -6.50 10.21 12.79
N HIS A 91 -6.17 9.13 12.08
CA HIS A 91 -6.27 9.04 10.64
C HIS A 91 -7.04 7.79 10.26
N CYS A 92 -7.69 7.86 9.09
CA CYS A 92 -8.23 6.68 8.45
C CYS A 92 -7.48 6.45 7.13
N LEU A 93 -6.88 5.27 7.01
CA LEU A 93 -6.27 4.83 5.76
C LEU A 93 -7.33 4.06 4.99
N HIS A 94 -7.88 4.69 3.94
CA HIS A 94 -8.86 4.05 3.07
C HIS A 94 -8.10 3.21 2.06
N VAL A 95 -8.27 1.89 2.10
CA VAL A 95 -7.54 0.96 1.24
C VAL A 95 -8.53 0.19 0.39
N VAL A 96 -8.29 0.12 -0.90
CA VAL A 96 -9.18 -0.57 -1.84
C VAL A 96 -8.59 -1.94 -2.16
N GLY A 97 -9.14 -2.99 -1.56
N GLY A 97 -9.16 -2.99 -1.56
CA GLY A 97 -8.86 -4.33 -2.02
CA GLY A 97 -8.86 -4.33 -1.97
C GLY A 97 -9.74 -4.66 -3.21
C GLY A 97 -9.70 -4.74 -3.16
N PRO A 98 -9.35 -5.66 -4.00
N PRO A 98 -9.23 -5.71 -3.95
CA PRO A 98 -10.22 -6.10 -5.10
CA PRO A 98 -9.97 -6.12 -5.13
C PRO A 98 -11.53 -6.66 -4.57
C PRO A 98 -11.32 -6.72 -4.76
N ASN A 99 -12.62 -6.32 -5.27
N ASN A 99 -12.32 -6.43 -5.59
CA ASN A 99 -13.95 -6.85 -4.97
CA ASN A 99 -13.67 -6.99 -5.44
C ASN A 99 -14.26 -7.97 -5.96
C ASN A 99 -13.78 -8.17 -6.38
N VAL A 100 -14.22 -9.21 -5.46
N VAL A 100 -13.80 -9.38 -5.82
CA VAL A 100 -14.43 -10.38 -6.31
CA VAL A 100 -13.85 -10.58 -6.63
C VAL A 100 -15.81 -10.35 -6.94
C VAL A 100 -15.16 -10.67 -7.40
N ASN A 101 -16.80 -9.81 -6.23
N ASN A 101 -16.25 -10.12 -6.83
CA ASN A 101 -18.13 -9.70 -6.80
CA ASN A 101 -17.53 -10.15 -7.52
C ASN A 101 -18.22 -8.63 -7.91
C ASN A 101 -17.51 -9.29 -8.78
N LYS A 102 -17.12 -7.94 -8.20
N LYS A 102 -16.66 -8.28 -8.83
CA LYS A 102 -17.00 -7.08 -9.38
CA LYS A 102 -16.47 -7.44 -10.01
C LYS A 102 -16.06 -7.64 -10.44
C LYS A 102 -15.40 -8.01 -10.95
N GLY A 103 -15.47 -8.81 -10.20
N GLY A 103 -14.87 -9.19 -10.65
CA GLY A 103 -14.56 -9.40 -11.16
CA GLY A 103 -13.81 -9.76 -11.47
C GLY A 103 -13.14 -8.87 -11.12
C GLY A 103 -12.46 -9.11 -11.29
N GLU A 104 -12.72 -8.27 -10.00
N GLU A 104 -12.25 -8.39 -10.19
CA GLU A 104 -11.40 -7.65 -9.93
CA GLU A 104 -11.00 -7.67 -10.00
C GLU A 104 -10.33 -8.68 -9.57
C GLU A 104 -9.90 -8.62 -9.55
N ASP A 105 -9.10 -8.39 -10.02
N ASP A 105 -8.71 -8.42 -10.09
CA ASP A 105 -8.00 -9.34 -9.96
CA ASP A 105 -7.59 -9.33 -9.92
C ASP A 105 -7.52 -9.52 -8.52
C ASP A 105 -7.26 -9.52 -8.45
N ILE A 106 -7.59 -10.76 -8.02
N ILE A 106 -7.35 -10.77 -7.97
CA ILE A 106 -7.23 -11.02 -6.64
CA ILE A 106 -7.02 -11.07 -6.59
C ILE A 106 -5.75 -10.77 -6.36
C ILE A 106 -5.56 -10.77 -6.30
N GLN A 107 -4.90 -10.79 -7.40
N GLN A 107 -4.70 -10.84 -7.32
CA GLN A 107 -3.48 -10.48 -7.22
CA GLN A 107 -3.32 -10.44 -7.14
C GLN A 107 -3.29 -9.08 -6.65
C GLN A 107 -3.18 -8.98 -6.76
N LEU A 108 -4.23 -8.17 -6.91
CA LEU A 108 -4.19 -6.82 -6.40
C LEU A 108 -4.32 -6.78 -4.89
N LEU A 109 -4.67 -7.89 -4.24
CA LEU A 109 -4.77 -7.90 -2.79
C LEU A 109 -3.40 -7.62 -2.15
N LYS A 110 -2.33 -8.16 -2.72
CA LYS A 110 -1.00 -7.89 -2.19
C LYS A 110 -0.68 -6.40 -2.28
N SER A 111 -0.96 -5.80 -3.44
CA SER A 111 -0.74 -4.36 -3.60
C SER A 111 -1.53 -3.57 -2.56
N ALA A 112 -2.77 -3.98 -2.29
CA ALA A 112 -3.58 -3.30 -1.30
C ALA A 112 -2.92 -3.34 0.08
N TYR A 113 -2.45 -4.53 0.49
CA TYR A 113 -1.80 -4.64 1.80
C TYR A 113 -0.49 -3.87 1.88
N GLU A 114 0.21 -3.68 0.75
CA GLU A 114 1.46 -2.93 0.79
C GLU A 114 1.25 -1.52 1.33
N ASN A 115 0.05 -0.95 1.17
CA ASN A 115 -0.21 0.38 1.72
C ASN A 115 0.00 0.41 3.23
N PHE A 116 -0.23 -0.71 3.92
CA PHE A 116 -0.09 -0.73 5.37
C PHE A 116 1.35 -0.44 5.79
N ASN A 117 2.33 -0.75 4.93
CA ASN A 117 3.74 -0.61 5.31
C ASN A 117 4.17 0.84 5.46
N GLN A 118 3.33 1.79 5.05
CA GLN A 118 3.63 3.21 5.23
C GLN A 118 3.25 3.72 6.61
N HIS A 119 2.78 2.84 7.50
CA HIS A 119 2.32 3.21 8.83
C HIS A 119 2.86 2.22 9.84
N GLU A 120 3.43 2.73 10.94
CA GLU A 120 4.13 1.87 11.88
C GLU A 120 3.18 0.92 12.61
N VAL A 121 1.96 1.36 12.91
CA VAL A 121 0.97 0.59 13.65
C VAL A 121 -0.41 0.90 13.09
N LEU A 122 -1.23 -0.13 12.88
CA LEU A 122 -2.58 0.05 12.34
C LEU A 122 -3.56 -0.91 12.97
N LEU A 123 -4.81 -0.46 13.11
N LEU A 123 -4.77 -0.41 13.21
CA LEU A 123 -5.97 -1.31 13.36
CA LEU A 123 -5.95 -1.22 13.45
C LEU A 123 -6.65 -1.54 12.02
C LEU A 123 -6.64 -1.41 12.10
N ALA A 124 -6.98 -2.79 11.69
N ALA A 124 -6.78 -2.65 11.66
CA ALA A 124 -7.44 -3.07 10.33
CA ALA A 124 -7.18 -2.92 10.30
C ALA A 124 -8.39 -4.26 10.25
C ALA A 124 -8.18 -4.07 10.23
N PRO A 125 -9.25 -4.29 9.24
N PRO A 125 -9.00 -4.10 9.18
CA PRO A 125 -9.95 -5.51 8.86
CA PRO A 125 -9.88 -5.24 8.93
C PRO A 125 -9.13 -6.30 7.84
C PRO A 125 -9.21 -6.20 7.96
N LEU A 126 -9.57 -7.52 7.59
N LEU A 126 -9.81 -7.37 7.73
CA LEU A 126 -9.02 -8.31 6.49
CA LEU A 126 -9.37 -8.24 6.65
C LEU A 126 -9.53 -7.78 5.16
C LEU A 126 -9.81 -7.66 5.32
N LEU A 127 -8.60 -7.35 4.31
N LEU A 127 -8.85 -7.26 4.48
CA LEU A 127 -8.95 -6.76 3.03
CA LEU A 127 -9.22 -6.68 3.20
C LEU A 127 -9.60 -7.78 2.11
C LEU A 127 -9.76 -7.74 2.24
N SER A 128 -10.58 -7.32 1.37
N SER A 128 -10.73 -7.31 1.44
CA SER A 128 -11.32 -8.09 0.38
CA SER A 128 -11.38 -8.09 0.38
C SER A 128 -12.21 -9.17 1.00
C SER A 128 -12.27 -9.21 0.89
N ALA A 129 -12.30 -9.24 2.34
N ALA A 129 -12.41 -9.39 2.20
CA ALA A 129 -13.20 -10.18 3.00
CA ALA A 129 -13.28 -10.41 2.74
C ALA A 129 -14.62 -9.61 3.02
C ALA A 129 -14.71 -9.87 2.86
N GLY A 130 -15.52 -10.34 3.68
N GLY A 130 -15.61 -10.72 3.33
CA GLY A 130 -16.90 -9.88 3.79
CA GLY A 130 -16.99 -10.31 3.53
C GLY A 130 -17.51 -9.69 2.42
C GLY A 130 -17.66 -10.02 2.19
N ILE A 131 -18.18 -8.55 2.22
N ILE A 131 -18.38 -8.89 2.15
CA ILE A 131 -18.92 -8.29 1.00
CA ILE A 131 -19.13 -8.52 0.96
C ILE A 131 -18.03 -8.08 -0.23
C ILE A 131 -18.27 -8.26 -0.25
N PHE A 132 -16.70 -7.99 -0.05
N PHE A 132 -16.94 -8.20 -0.09
CA PHE A 132 -15.81 -7.96 -1.21
CA PHE A 132 -16.04 -8.00 -1.22
C PHE A 132 -15.55 -9.35 -1.79
C PHE A 132 -15.79 -9.28 -2.01
N GLY A 133 -15.98 -10.41 -1.12
N GLY A 133 -16.06 -10.45 -1.44
CA GLY A 133 -16.11 -11.72 -1.73
CA GLY A 133 -16.16 -11.68 -2.20
C GLY A 133 -14.87 -12.59 -1.79
C GLY A 133 -14.97 -12.62 -2.14
N ALA A 134 -13.74 -12.16 -1.25
N ALA A 134 -13.86 -12.21 -1.55
CA ALA A 134 -12.55 -13.02 -1.28
CA ALA A 134 -12.67 -13.06 -1.53
C ALA A 134 -12.56 -13.97 -0.09
C ALA A 134 -12.67 -13.98 -0.31
N ASP A 135 -11.73 -15.01 -0.19
N ASP A 135 -11.76 -14.95 -0.34
CA ASP A 135 -11.55 -15.98 0.89
CA ASP A 135 -11.64 -15.92 0.74
C ASP A 135 -10.79 -15.33 2.03
C ASP A 135 -10.90 -15.28 1.92
N PRO A 136 -11.38 -15.18 3.22
N PRO A 136 -11.51 -15.16 3.09
CA PRO A 136 -10.64 -14.53 4.32
CA PRO A 136 -10.81 -14.51 4.22
C PRO A 136 -9.38 -15.26 4.75
C PRO A 136 -9.56 -15.23 4.68
N ILE A 137 -9.35 -16.59 4.63
N ILE A 137 -9.49 -16.55 4.50
CA ILE A 137 -8.12 -17.33 4.93
CA ILE A 137 -8.27 -17.28 4.87
C ILE A 137 -7.00 -16.88 3.99
C ILE A 137 -7.09 -16.81 4.02
N HIS A 138 -7.32 -16.71 2.71
CA HIS A 138 -6.30 -16.20 1.79
C HIS A 138 -5.91 -14.77 2.14
N SER A 139 -6.88 -13.93 2.49
CA SER A 139 -6.55 -12.55 2.85
C SER A 139 -5.60 -12.49 4.04
N LEU A 140 -5.81 -13.34 5.04
N LEU A 140 -5.84 -13.30 5.07
CA LEU A 140 -4.89 -13.36 6.18
CA LEU A 140 -4.98 -13.29 6.24
C LEU A 140 -3.50 -13.80 5.74
C LEU A 140 -3.55 -13.71 5.88
N ARG A 141 -3.42 -14.81 4.88
N ARG A 141 -3.42 -14.68 4.97
CA ARG A 141 -2.13 -15.27 4.38
CA ARG A 141 -2.08 -15.12 4.57
C ARG A 141 -1.38 -14.13 3.70
C ARG A 141 -1.36 -14.04 3.76
N VAL A 142 -2.06 -13.39 2.82
CA VAL A 142 -1.43 -12.28 2.10
C VAL A 142 -1.01 -11.20 3.09
N CYS A 143 -1.87 -10.90 4.06
CA CYS A 143 -1.51 -9.90 5.08
C CYS A 143 -0.20 -10.28 5.76
N VAL A 144 -0.11 -11.51 6.27
CA VAL A 144 1.07 -11.92 7.01
C VAL A 144 2.32 -11.90 6.13
N ASP A 145 2.16 -12.23 4.85
CA ASP A 145 3.29 -12.32 3.93
C ASP A 145 3.63 -10.97 3.26
N THR A 146 2.87 -9.91 3.54
CA THR A 146 3.07 -8.62 2.89
C THR A 146 3.34 -7.49 3.87
N VAL A 147 2.57 -7.43 4.95
CA VAL A 147 2.69 -6.34 5.92
C VAL A 147 3.87 -6.63 6.84
N ARG A 148 4.75 -5.64 6.98
CA ARG A 148 5.90 -5.73 7.86
C ARG A 148 5.78 -4.84 9.08
N THR A 149 4.88 -3.87 9.06
CA THR A 149 4.60 -3.02 10.20
C THR A 149 3.60 -3.74 11.11
N ASN A 150 3.29 -3.13 12.24
CA ASN A 150 2.52 -3.80 13.30
C ASN A 150 1.03 -3.64 13.01
N VAL A 151 0.36 -4.74 12.71
CA VAL A 151 -1.05 -4.70 12.33
C VAL A 151 -1.88 -5.50 13.33
N TYR A 152 -2.97 -4.88 13.77
N TYR A 152 -2.92 -4.84 13.83
CA TYR A 152 -3.94 -5.47 14.67
CA TYR A 152 -3.86 -5.35 14.82
C TYR A 152 -5.22 -5.69 13.87
C TYR A 152 -5.19 -5.52 14.11
N LEU A 153 -5.53 -6.95 13.61
N LEU A 153 -5.52 -6.76 13.76
CA LEU A 153 -6.67 -7.34 12.77
CA LEU A 153 -6.71 -7.07 12.99
C LEU A 153 -7.88 -7.62 13.62
C LEU A 153 -7.89 -7.30 13.92
N ALA A 154 -8.99 -6.97 13.29
N ALA A 154 -9.02 -6.69 13.59
CA ALA A 154 -10.28 -7.19 13.92
CA ALA A 154 -10.28 -6.90 14.28
C ALA A 154 -11.17 -7.99 12.98
C ALA A 154 -11.23 -7.64 13.35
N VAL A 155 -11.67 -9.13 13.46
N VAL A 155 -11.74 -8.79 13.80
CA VAL A 155 -12.56 -10.00 12.70
CA VAL A 155 -12.69 -9.59 13.05
C VAL A 155 -13.91 -10.04 13.40
C VAL A 155 -13.86 -9.91 13.97
N PHE A 156 -14.95 -9.56 12.70
N PHE A 156 -15.06 -9.51 13.57
CA PHE A 156 -16.26 -9.37 13.33
CA PHE A 156 -16.22 -9.65 14.45
C PHE A 156 -16.93 -10.70 13.66
C PHE A 156 -16.80 -11.07 14.41
N ASP A 157 -16.84 -11.66 12.76
N ASP A 157 -16.94 -11.64 13.22
CA ASP A 157 -17.58 -12.93 12.88
CA ASP A 157 -17.55 -12.96 13.06
C ASP A 157 -16.78 -13.90 13.74
C ASP A 157 -16.81 -14.01 13.85
N LYS A 158 -17.38 -14.35 14.85
N LYS A 158 -17.45 -14.54 14.89
CA LYS A 158 -16.67 -15.22 15.79
CA LYS A 158 -16.84 -15.55 15.75
C LYS A 158 -16.34 -16.57 15.14
C LYS A 158 -16.46 -16.79 14.94
N ASN A 159 -17.27 -17.13 14.38
N ASN A 159 -17.40 -17.30 14.13
CA ASN A 159 -17.00 -18.41 13.73
CA ASN A 159 -17.13 -18.47 13.32
C ASN A 159 -15.83 -18.29 12.75
C ASN A 159 -15.99 -18.22 12.35
N LEU A 160 -15.78 -17.21 11.97
N LEU A 160 -15.94 -17.01 11.77
CA LEU A 160 -14.67 -17.01 11.04
CA LEU A 160 -14.81 -16.67 10.90
C LEU A 160 -13.36 -16.82 11.78
C LEU A 160 -13.52 -16.54 11.70
N TYR A 161 -13.38 -16.05 12.87
N TYR A 161 -13.56 -15.79 12.80
CA TYR A 161 -12.18 -15.87 13.68
CA TYR A 161 -12.38 -15.66 13.65
C TYR A 161 -11.58 -17.20 14.10
C TYR A 161 -11.87 -17.03 14.10
N ASP A 162 -12.43 -18.10 14.62
N ASP A 162 -12.78 -17.92 14.47
CA ASP A 162 -11.92 -19.39 15.09
CA ASP A 162 -12.38 -19.28 14.84
C ASP A 162 -11.32 -20.19 13.95
C ASP A 162 -11.78 -20.02 13.67
N LYS A 163 -11.89 -20.09 12.74
N LYS A 163 -12.39 -19.91 12.48
CA LYS A 163 -11.35 -20.83 11.60
CA LYS A 163 -11.82 -20.57 11.31
C LYS A 163 -10.02 -20.25 11.14
C LYS A 163 -10.46 -19.97 10.96
N LEU A 164 -9.89 -18.93 11.14
N LEU A 164 -10.32 -18.65 11.10
CA LEU A 164 -8.64 -18.29 10.74
CA LEU A 164 -9.04 -18.00 10.81
C LEU A 164 -7.50 -18.68 11.68
C LEU A 164 -7.95 -18.50 11.75
N VAL A 165 -7.78 -18.72 12.98
N VAL A 165 -8.22 -18.50 13.06
CA VAL A 165 -6.77 -19.13 13.95
CA VAL A 165 -7.23 -18.93 14.02
C VAL A 165 -6.42 -20.59 13.77
C VAL A 165 -6.93 -20.42 13.87
N SER A 166 -7.44 -21.46 13.75
N SER A 166 -7.98 -21.24 13.77
CA SER A 166 -7.19 -22.89 13.75
CA SER A 166 -7.81 -22.69 13.83
C SER A 166 -6.50 -23.35 12.48
C SER A 166 -7.03 -23.25 12.64
N SER A 167 -6.77 -22.67 11.36
N SER A 167 -6.88 -22.49 11.55
CA SER A 167 -6.18 -23.02 10.08
CA SER A 167 -6.19 -22.99 10.36
C SER A 167 -4.91 -22.23 9.81
C SER A 167 -5.12 -21.98 9.95
N PHE A 168 -4.50 -21.32 10.69
N PHE A 168 -4.10 -21.81 10.79
CA PHE A 168 -3.34 -20.49 10.41
CA PHE A 168 -3.03 -20.86 10.51
C PHE A 168 -2.08 -21.35 10.42
C PHE A 168 -1.66 -21.54 10.40
N LEU A 169 -1.26 -21.16 9.41
N LEU A 169 -1.07 -21.91 11.53
CA LEU A 169 -0.02 -21.91 9.30
CA LEU A 169 0.27 -22.50 11.54
C LEU A 169 1.13 -21.04 9.77
C LEU A 169 0.31 -23.87 10.85
N SER B 1 -0.51 8.06 -31.43
N SER B 1 -0.45 8.03 -31.47
CA SER B 1 0.79 8.46 -30.88
CA SER B 1 0.79 8.49 -30.82
C SER B 1 1.50 7.31 -30.18
C SER B 1 1.49 7.33 -30.13
N MET B 2 2.77 7.52 -29.92
N MET B 2 2.74 7.57 -29.74
CA MET B 2 3.67 6.49 -29.41
CA MET B 2 3.64 6.53 -29.26
C MET B 2 4.06 6.86 -27.99
C MET B 2 4.04 6.86 -27.82
N VAL B 3 3.62 6.07 -27.03
N VAL B 3 3.45 6.14 -26.86
CA VAL B 3 3.98 6.22 -25.63
CA VAL B 3 3.82 6.26 -25.46
C VAL B 3 4.43 4.86 -25.11
C VAL B 3 4.23 4.90 -24.94
N ASN B 4 5.20 4.90 -24.02
CA ASN B 4 5.74 3.68 -23.43
C ASN B 4 6.40 2.78 -24.48
N SER B 5 7.17 3.40 -25.37
CA SER B 5 7.84 2.67 -26.45
C SER B 5 9.27 2.36 -26.03
N PHE B 6 9.39 1.42 -25.09
CA PHE B 6 10.67 0.99 -24.59
C PHE B 6 11.35 0.09 -25.63
N SER B 7 12.65 0.30 -25.83
N SER B 7 12.64 0.32 -25.84
CA SER B 7 13.40 -0.44 -26.84
CA SER B 7 13.40 -0.39 -26.86
C SER B 7 14.81 -0.71 -26.35
C SER B 7 14.81 -0.67 -26.35
N GLY B 8 15.30 -1.91 -26.65
N GLY B 8 15.32 -1.86 -26.65
CA GLY B 8 16.68 -2.26 -26.34
CA GLY B 8 16.69 -2.21 -26.32
C GLY B 8 16.91 -2.71 -24.92
C GLY B 8 16.91 -2.64 -24.88
N TYR B 9 15.86 -3.07 -24.18
CA TYR B 9 16.02 -3.52 -22.81
C TYR B 9 16.28 -5.01 -22.75
N LEU B 10 17.07 -5.40 -21.76
CA LEU B 10 17.37 -6.79 -21.47
C LEU B 10 16.40 -7.27 -20.39
N LYS B 11 15.76 -8.41 -20.64
CA LYS B 11 14.81 -8.96 -19.70
C LYS B 11 15.55 -9.68 -18.57
N LEU B 12 15.29 -9.28 -17.34
CA LEU B 12 15.81 -9.97 -16.16
C LEU B 12 14.81 -10.96 -15.58
N THR B 13 13.57 -10.51 -15.39
CA THR B 13 12.46 -11.35 -14.98
C THR B 13 11.26 -11.01 -15.87
N ASP B 14 10.14 -11.68 -15.61
N ASP B 14 10.13 -11.67 -15.60
CA ASP B 14 8.96 -11.45 -16.43
CA ASP B 14 8.94 -11.46 -16.43
C ASP B 14 8.55 -9.98 -16.45
C ASP B 14 8.42 -10.03 -16.36
N ASN B 15 8.85 -9.23 -15.38
CA ASN B 15 8.40 -7.85 -15.26
C ASN B 15 9.49 -6.82 -15.05
N VAL B 16 10.77 -7.21 -14.97
CA VAL B 16 11.87 -6.28 -14.74
C VAL B 16 12.82 -6.34 -15.92
N TYR B 17 13.08 -5.17 -16.51
CA TYR B 17 13.92 -4.99 -17.69
C TYR B 17 14.98 -3.96 -17.39
N ILE B 18 16.12 -4.02 -18.08
CA ILE B 18 17.24 -3.13 -17.78
C ILE B 18 17.95 -2.71 -19.06
N LYS B 19 18.46 -1.48 -19.06
CA LYS B 19 19.15 -0.91 -20.21
C LYS B 19 20.25 0.03 -19.73
N ASN B 20 21.37 0.03 -20.46
CA ASN B 20 22.42 1.02 -20.24
C ASN B 20 22.00 2.29 -20.97
N ALA B 21 21.57 3.30 -20.22
CA ALA B 21 20.99 4.48 -20.83
C ALA B 21 20.93 5.62 -19.82
N ASP B 22 20.91 6.83 -20.38
CA ASP B 22 20.65 8.07 -19.64
C ASP B 22 19.14 8.22 -19.50
N ILE B 23 18.66 8.24 -18.25
CA ILE B 23 17.21 8.19 -18.00
C ILE B 23 16.48 9.41 -18.59
N VAL B 24 17.14 10.56 -18.65
CA VAL B 24 16.54 11.73 -19.28
C VAL B 24 16.35 11.52 -20.77
N GLU B 25 17.41 11.07 -21.45
CA GLU B 25 17.29 10.78 -22.87
C GLU B 25 16.29 9.68 -23.13
N GLU B 26 16.25 8.68 -22.26
CA GLU B 26 15.28 7.60 -22.39
C GLU B 26 13.85 8.13 -22.25
N ALA B 27 13.62 8.97 -21.24
CA ALA B 27 12.28 9.52 -21.05
C ALA B 27 11.82 10.29 -22.28
N LYS B 28 12.71 11.10 -22.86
CA LYS B 28 12.32 11.89 -24.02
C LYS B 28 12.03 11.02 -25.23
N LYS B 29 12.71 9.87 -25.35
CA LYS B 29 12.46 8.97 -26.47
C LYS B 29 11.28 8.05 -26.25
N VAL B 30 11.16 7.48 -25.05
CA VAL B 30 10.15 6.45 -24.76
C VAL B 30 8.77 7.04 -24.58
N LYS B 31 8.71 8.27 -24.10
CA LYS B 31 7.46 8.95 -23.75
C LYS B 31 6.68 8.12 -22.73
N PRO B 32 7.25 7.84 -21.56
CA PRO B 32 6.57 6.96 -20.60
C PRO B 32 5.42 7.67 -19.90
N THR B 33 4.43 6.87 -19.49
CA THR B 33 3.38 7.39 -18.60
C THR B 33 3.97 7.85 -17.28
N VAL B 34 4.97 7.12 -16.75
CA VAL B 34 5.55 7.41 -15.44
C VAL B 34 7.06 7.31 -15.55
N VAL B 35 7.75 8.38 -15.15
CA VAL B 35 9.17 8.33 -14.84
C VAL B 35 9.32 8.46 -13.33
N VAL B 36 10.17 7.61 -12.75
CA VAL B 36 10.45 7.66 -11.31
C VAL B 36 11.63 8.58 -11.05
N ASN B 37 11.47 9.46 -10.06
CA ASN B 37 12.57 10.26 -9.55
C ASN B 37 13.09 9.65 -8.25
N ALA B 38 14.41 9.67 -8.11
CA ALA B 38 15.12 9.32 -6.88
C ALA B 38 15.10 10.54 -5.96
N ALA B 39 13.96 10.71 -5.28
CA ALA B 39 13.65 11.92 -4.52
C ALA B 39 14.13 11.81 -3.08
N ASN B 40 14.14 12.96 -2.40
CA ASN B 40 14.27 13.04 -0.95
C ASN B 40 12.98 13.63 -0.36
N VAL B 41 12.88 13.62 0.97
CA VAL B 41 11.59 13.90 1.62
C VAL B 41 11.12 15.33 1.37
N TYR B 42 12.03 16.27 1.14
CA TYR B 42 11.63 17.65 0.87
C TYR B 42 11.63 17.98 -0.62
N LEU B 43 11.77 16.97 -1.48
CA LEU B 43 11.73 17.17 -2.92
C LEU B 43 12.68 18.27 -3.36
N LYS B 44 13.90 18.24 -2.81
CA LYS B 44 14.97 19.16 -3.20
C LYS B 44 15.84 18.42 -4.20
N HIS B 45 15.71 18.78 -5.48
CA HIS B 45 16.26 17.98 -6.57
C HIS B 45 17.66 18.49 -6.94
N GLY B 46 18.61 18.18 -6.06
N GLY B 46 18.60 18.21 -6.05
CA GLY B 46 19.94 18.73 -6.21
CA GLY B 46 19.94 18.73 -6.21
C GLY B 46 20.93 17.95 -7.05
C GLY B 46 20.84 17.92 -7.13
N GLY B 47 21.07 16.65 -6.78
CA GLY B 47 22.11 15.86 -7.39
C GLY B 47 21.58 14.59 -8.05
N GLY B 48 22.50 13.86 -8.67
CA GLY B 48 22.15 12.57 -9.23
C GLY B 48 20.95 12.65 -10.16
N VAL B 49 20.11 11.63 -10.08
CA VAL B 49 18.95 11.54 -10.96
C VAL B 49 18.04 12.75 -10.80
N ALA B 50 17.76 13.15 -9.55
CA ALA B 50 16.81 14.23 -9.34
C ALA B 50 17.32 15.53 -9.95
N GLY B 51 18.60 15.82 -9.78
CA GLY B 51 19.15 17.02 -10.40
C GLY B 51 19.04 16.99 -11.91
N ALA B 52 19.29 15.83 -12.51
CA ALA B 52 19.22 15.72 -13.95
C ALA B 52 17.78 15.88 -14.46
N LEU B 53 16.82 15.21 -13.81
CA LEU B 53 15.43 15.36 -14.22
C LEU B 53 14.98 16.80 -14.10
N ASN B 54 15.29 17.44 -12.97
CA ASN B 54 14.83 18.81 -12.77
C ASN B 54 15.46 19.74 -13.80
N LYS B 55 16.76 19.58 -14.08
CA LYS B 55 17.41 20.40 -15.09
C LYS B 55 16.73 20.25 -16.44
N ALA B 56 16.34 19.03 -16.81
CA ALA B 56 15.68 18.81 -18.08
C ALA B 56 14.36 19.58 -18.17
N THR B 57 13.69 19.79 -17.03
CA THR B 57 12.45 20.54 -17.00
C THR B 57 12.67 22.04 -16.85
N ASN B 58 13.92 22.50 -16.93
CA ASN B 58 14.23 23.92 -16.77
C ASN B 58 13.73 24.45 -15.43
N ASN B 59 13.86 23.63 -14.38
CA ASN B 59 13.52 23.96 -12.99
C ASN B 59 12.01 23.93 -12.73
N ALA B 60 11.17 23.62 -13.72
CA ALA B 60 9.73 23.57 -13.46
C ALA B 60 9.38 22.51 -12.42
N MET B 61 10.10 21.38 -12.43
CA MET B 61 9.87 20.36 -11.44
C MET B 61 10.13 20.89 -10.03
N GLN B 62 11.19 21.66 -9.85
CA GLN B 62 11.50 22.17 -8.51
C GLN B 62 10.44 23.16 -8.05
N VAL B 63 9.99 24.04 -8.93
CA VAL B 63 8.96 25.01 -8.54
C VAL B 63 7.69 24.28 -8.12
N GLU B 64 7.27 23.30 -8.92
CA GLU B 64 6.09 22.51 -8.59
C GLU B 64 6.27 21.76 -7.27
N SER B 65 7.48 21.23 -7.05
CA SER B 65 7.75 20.46 -5.85
C SER B 65 7.70 21.33 -4.60
N ASP B 66 8.27 22.54 -4.67
CA ASP B 66 8.23 23.45 -3.51
C ASP B 66 6.79 23.79 -3.15
N ASP B 67 5.94 24.00 -4.15
CA ASP B 67 4.54 24.25 -3.86
C ASP B 67 3.86 23.03 -3.24
N TYR B 68 4.17 21.83 -3.73
CA TYR B 68 3.64 20.61 -3.11
C TYR B 68 4.02 20.54 -1.64
N ILE B 69 5.29 20.83 -1.33
CA ILE B 69 5.76 20.75 0.06
C ILE B 69 5.07 21.80 0.92
N ALA B 70 4.89 23.02 0.39
CA ALA B 70 4.19 24.04 1.17
C ALA B 70 2.80 23.57 1.57
N THR B 71 2.10 22.88 0.67
CA THR B 71 0.73 22.44 0.93
C THR B 71 0.67 21.19 1.78
N ASN B 72 1.61 20.26 1.59
CA ASN B 72 1.48 18.90 2.12
C ASN B 72 2.54 18.52 3.14
N GLY B 73 3.64 19.26 3.25
CA GLY B 73 4.73 18.85 4.11
C GLY B 73 5.56 17.76 3.47
N PRO B 74 6.64 17.37 4.14
CA PRO B 74 7.57 16.41 3.56
C PRO B 74 6.98 15.01 3.47
N LEU B 75 7.53 14.25 2.54
CA LEU B 75 7.23 12.82 2.42
C LEU B 75 7.89 12.05 3.55
N LYS B 76 7.52 10.78 3.68
CA LYS B 76 8.21 9.82 4.54
C LYS B 76 9.27 9.08 3.70
N VAL B 77 10.38 8.73 4.35
CA VAL B 77 11.30 7.78 3.71
C VAL B 77 10.54 6.49 3.46
N GLY B 78 10.61 5.98 2.24
CA GLY B 78 9.81 4.86 1.79
C GLY B 78 8.53 5.24 1.10
N GLY B 79 8.16 6.52 1.10
CA GLY B 79 6.93 6.99 0.49
C GLY B 79 7.16 7.63 -0.86
N SER B 80 6.06 8.16 -1.42
CA SER B 80 6.09 8.73 -2.75
C SER B 80 4.97 9.75 -2.94
N CYS B 81 5.08 10.53 -4.00
CA CYS B 81 3.96 11.33 -4.49
C CYS B 81 4.02 11.37 -6.01
N VAL B 82 2.86 11.58 -6.62
CA VAL B 82 2.74 11.74 -8.07
C VAL B 82 2.61 13.22 -8.40
N LEU B 83 3.51 13.72 -9.23
CA LEU B 83 3.46 15.09 -9.75
C LEU B 83 3.55 15.04 -11.27
N SER B 84 3.58 16.22 -11.90
CA SER B 84 3.67 16.26 -13.35
C SER B 84 4.99 15.68 -13.84
N GLY B 85 4.98 15.10 -15.02
CA GLY B 85 6.18 14.70 -15.71
C GLY B 85 6.76 15.72 -16.66
N HIS B 86 6.13 16.89 -16.83
CA HIS B 86 6.72 18.01 -17.58
C HIS B 86 7.05 17.54 -19.01
N ASN B 87 8.27 17.75 -19.49
CA ASN B 87 8.68 17.33 -20.82
C ASN B 87 9.26 15.93 -20.85
N LEU B 88 9.12 15.17 -19.75
CA LEU B 88 9.71 13.85 -19.62
C LEU B 88 8.71 12.70 -19.65
N ALA B 89 7.48 12.92 -19.21
CA ALA B 89 6.54 11.82 -18.99
C ALA B 89 5.20 12.45 -18.69
N LYS B 90 4.15 11.62 -18.70
CA LYS B 90 2.87 12.13 -18.21
C LYS B 90 2.99 12.53 -16.74
N HIS B 91 3.55 11.64 -15.92
CA HIS B 91 3.68 11.82 -14.49
C HIS B 91 5.12 11.54 -14.08
N CYS B 92 5.54 12.21 -13.02
CA CYS B 92 6.75 11.83 -12.29
C CYS B 92 6.33 11.27 -10.93
N LEU B 93 6.73 10.03 -10.65
CA LEU B 93 6.54 9.42 -9.34
C LEU B 93 7.81 9.67 -8.54
N HIS B 94 7.72 10.58 -7.57
CA HIS B 94 8.85 10.92 -6.70
C HIS B 94 8.88 9.90 -5.57
N VAL B 95 9.89 9.03 -5.54
CA VAL B 95 9.97 7.95 -4.55
C VAL B 95 11.20 8.19 -3.70
N VAL B 96 11.03 8.10 -2.38
CA VAL B 96 12.13 8.33 -1.43
C VAL B 96 12.65 6.98 -0.95
N GLY B 97 13.80 6.55 -1.48
CA GLY B 97 14.51 5.43 -0.91
C GLY B 97 15.37 5.90 0.24
N PRO B 98 15.78 4.98 1.12
CA PRO B 98 16.69 5.36 2.20
C PRO B 98 18.05 5.78 1.66
N ASN B 99 18.60 6.82 2.26
CA ASN B 99 19.93 7.33 1.93
C ASN B 99 20.91 6.77 2.96
N VAL B 100 21.66 5.74 2.57
N VAL B 100 21.68 5.74 2.57
CA VAL B 100 22.64 5.14 3.48
CA VAL B 100 22.65 5.13 3.47
C VAL B 100 23.75 6.13 3.83
C VAL B 100 23.75 6.13 3.83
N ASN B 101 24.09 7.03 2.90
CA ASN B 101 25.07 8.07 3.21
C ASN B 101 24.58 9.04 4.28
N LYS B 102 23.27 9.07 4.54
N LYS B 102 23.27 9.05 4.56
CA LYS B 102 22.69 9.88 5.59
CA LYS B 102 22.71 9.82 5.66
C LYS B 102 22.36 9.06 6.84
C LYS B 102 22.39 8.96 6.88
N GLY B 103 22.74 7.79 6.86
N GLY B 103 22.74 7.67 6.84
CA GLY B 103 22.47 6.92 8.00
CA GLY B 103 22.48 6.79 7.96
C GLY B 103 21.10 6.30 8.03
C GLY B 103 21.09 6.22 8.04
N GLU B 104 20.30 6.49 6.98
N GLU B 104 20.32 6.29 6.96
CA GLU B 104 18.94 5.97 6.97
CA GLU B 104 18.94 5.80 6.98
C GLU B 104 18.94 4.44 6.78
C GLU B 104 18.91 4.30 6.75
N ASP B 105 17.86 3.82 7.25
N ASP B 105 17.88 3.66 7.30
CA ASP B 105 17.80 2.37 7.37
CA ASP B 105 17.81 2.20 7.36
C ASP B 105 17.56 1.73 6.00
C ASP B 105 17.57 1.62 5.97
N ILE B 106 18.53 0.94 5.54
N ILE B 106 18.53 0.82 5.50
CA ILE B 106 18.43 0.25 4.26
CA ILE B 106 18.40 0.15 4.21
C ILE B 106 17.20 -0.65 4.21
C ILE B 106 17.18 -0.75 4.15
N GLN B 107 16.67 -1.06 5.36
N GLN B 107 16.64 -1.16 5.30
CA GLN B 107 15.50 -1.92 5.37
CA GLN B 107 15.45 -1.99 5.33
C GLN B 107 14.28 -1.27 4.73
C GLN B 107 14.24 -1.27 4.73
N LEU B 108 14.25 0.07 4.67
CA LEU B 108 13.13 0.81 4.09
C LEU B 108 13.10 0.76 2.57
N LEU B 109 14.08 0.13 1.94
CA LEU B 109 14.13 0.06 0.49
C LEU B 109 12.96 -0.75 -0.07
N LYS B 110 12.55 -1.81 0.62
CA LYS B 110 11.41 -2.59 0.12
C LYS B 110 10.15 -1.74 0.08
N SER B 111 9.87 -1.02 1.17
CA SER B 111 8.71 -0.11 1.18
C SER B 111 8.78 0.88 0.03
N ALA B 112 9.98 1.42 -0.25
CA ALA B 112 10.11 2.37 -1.35
C ALA B 112 9.73 1.73 -2.67
N TYR B 113 10.22 0.53 -2.95
CA TYR B 113 9.88 -0.13 -4.19
C TYR B 113 8.39 -0.49 -4.28
N GLU B 114 7.73 -0.72 -3.15
CA GLU B 114 6.30 -1.06 -3.20
C GLU B 114 5.50 0.03 -3.89
N ASN B 115 5.98 1.28 -3.85
CA ASN B 115 5.26 2.34 -4.55
C ASN B 115 5.12 2.06 -6.04
N PHE B 116 6.10 1.35 -6.62
CA PHE B 116 6.04 1.09 -8.06
C PHE B 116 4.83 0.24 -8.42
N ASN B 117 4.32 -0.58 -7.48
CA ASN B 117 3.21 -1.48 -7.79
C ASN B 117 1.90 -0.76 -8.03
N GLN B 118 1.83 0.53 -7.77
CA GLN B 118 0.65 1.32 -8.04
C GLN B 118 0.60 1.83 -9.48
N HIS B 119 1.56 1.44 -10.32
CA HIS B 119 1.63 1.89 -11.71
C HIS B 119 1.93 0.70 -12.60
N GLU B 120 1.19 0.55 -13.70
CA GLU B 120 1.33 -0.65 -14.50
C GLU B 120 2.67 -0.73 -15.22
N VAL B 121 3.24 0.41 -15.59
CA VAL B 121 4.54 0.45 -16.28
C VAL B 121 5.26 1.73 -15.89
N LEU B 122 6.56 1.61 -15.64
CA LEU B 122 7.38 2.75 -15.20
C LEU B 122 8.77 2.67 -15.83
N LEU B 123 9.33 3.86 -16.11
CA LEU B 123 10.75 4.06 -16.37
C LEU B 123 11.39 4.52 -15.07
N ALA B 124 12.47 3.85 -14.62
CA ALA B 124 12.95 4.11 -13.27
C ALA B 124 14.46 3.96 -13.16
N PRO B 125 15.06 4.64 -12.19
CA PRO B 125 16.41 4.32 -11.74
C PRO B 125 16.35 3.29 -10.62
N LEU B 126 17.51 2.72 -10.28
CA LEU B 126 17.62 1.87 -9.09
C LEU B 126 17.54 2.73 -7.84
N LEU B 127 16.57 2.45 -6.98
CA LEU B 127 16.40 3.25 -5.78
C LEU B 127 17.54 3.04 -4.80
N SER B 128 17.89 4.13 -4.12
CA SER B 128 18.92 4.19 -3.10
C SER B 128 20.33 3.96 -3.66
N ALA B 129 20.49 3.86 -4.97
CA ALA B 129 21.80 3.70 -5.58
C ALA B 129 22.50 5.04 -5.69
N GLY B 130 23.74 4.98 -6.18
CA GLY B 130 24.45 6.20 -6.53
C GLY B 130 24.72 7.05 -5.30
N ILE B 131 24.31 8.32 -5.40
CA ILE B 131 24.54 9.27 -4.32
C ILE B 131 23.80 8.91 -3.04
N PHE B 132 22.83 7.98 -3.11
CA PHE B 132 22.15 7.51 -1.91
C PHE B 132 22.91 6.40 -1.17
N GLY B 133 23.94 5.81 -1.79
CA GLY B 133 24.92 5.02 -1.07
C GLY B 133 24.63 3.54 -0.89
N ALA B 134 23.50 3.01 -1.34
CA ALA B 134 23.25 1.59 -1.20
C ALA B 134 23.98 0.81 -2.29
N ASP B 135 24.16 -0.47 -2.04
CA ASP B 135 24.76 -1.37 -3.04
C ASP B 135 23.77 -1.53 -4.19
N PRO B 136 24.11 -1.13 -5.41
CA PRO B 136 23.14 -1.27 -6.50
C PRO B 136 22.74 -2.69 -6.78
N ILE B 137 23.63 -3.67 -6.52
CA ILE B 137 23.27 -5.08 -6.65
C ILE B 137 22.13 -5.42 -5.71
N HIS B 138 22.19 -4.92 -4.48
CA HIS B 138 21.10 -5.13 -3.54
C HIS B 138 19.84 -4.41 -3.98
N SER B 139 19.96 -3.19 -4.49
CA SER B 139 18.78 -2.48 -4.94
C SER B 139 18.07 -3.25 -6.05
N LEU B 140 18.84 -3.82 -6.99
CA LEU B 140 18.23 -4.62 -8.04
C LEU B 140 17.54 -5.85 -7.45
N ARG B 141 18.17 -6.50 -6.47
CA ARG B 141 17.57 -7.63 -5.77
C ARG B 141 16.22 -7.26 -5.18
N VAL B 142 16.18 -6.17 -4.42
CA VAL B 142 14.93 -5.76 -3.80
C VAL B 142 13.90 -5.41 -4.87
N CYS B 143 14.33 -4.75 -5.94
CA CYS B 143 13.41 -4.43 -7.03
C CYS B 143 12.75 -5.69 -7.57
N VAL B 144 13.56 -6.68 -7.95
CA VAL B 144 13.01 -7.90 -8.53
C VAL B 144 12.11 -8.64 -7.56
N ASP B 145 12.42 -8.59 -6.27
CA ASP B 145 11.67 -9.32 -5.26
C ASP B 145 10.45 -8.57 -4.75
N THR B 146 10.25 -7.31 -5.18
CA THR B 146 9.18 -6.48 -4.66
C THR B 146 8.23 -5.96 -5.74
N VAL B 147 8.78 -5.51 -6.86
CA VAL B 147 7.96 -4.92 -7.91
C VAL B 147 7.36 -6.06 -8.74
N ARG B 148 6.05 -5.96 -8.98
CA ARG B 148 5.32 -6.90 -9.81
C ARG B 148 4.80 -6.29 -11.09
N THR B 149 4.71 -4.96 -11.17
CA THR B 149 4.35 -4.25 -12.39
C THR B 149 5.59 -4.14 -13.27
N ASN B 150 5.42 -3.58 -14.47
CA ASN B 150 6.48 -3.60 -15.47
C ASN B 150 7.42 -2.42 -15.26
N VAL B 151 8.66 -2.71 -14.88
CA VAL B 151 9.63 -1.68 -14.58
C VAL B 151 10.81 -1.80 -15.54
N TYR B 152 11.14 -0.67 -16.17
CA TYR B 152 12.21 -0.51 -17.14
C TYR B 152 13.28 0.34 -16.46
N LEU B 153 14.40 -0.30 -16.08
CA LEU B 153 15.47 0.34 -15.33
C LEU B 153 16.51 0.91 -16.27
N ALA B 154 16.88 2.17 -16.05
CA ALA B 154 17.93 2.84 -16.80
C ALA B 154 19.16 2.97 -15.91
N VAL B 155 20.28 2.44 -16.39
CA VAL B 155 21.55 2.49 -15.68
C VAL B 155 22.54 3.25 -16.56
N PHE B 156 23.03 4.39 -16.06
CA PHE B 156 23.84 5.29 -16.89
C PHE B 156 25.22 4.71 -17.23
N ASP B 157 25.94 4.20 -16.24
CA ASP B 157 27.32 3.77 -16.43
C ASP B 157 27.34 2.34 -16.98
N LYS B 158 27.90 2.18 -18.20
CA LYS B 158 28.03 0.85 -18.80
C LYS B 158 28.71 -0.14 -17.87
N ASN B 159 29.72 0.30 -17.11
CA ASN B 159 30.43 -0.64 -16.25
C ASN B 159 29.57 -1.10 -15.08
N LEU B 160 28.70 -0.23 -14.54
CA LEU B 160 27.77 -0.68 -13.51
C LEU B 160 26.70 -1.58 -14.11
N TYR B 161 26.19 -1.21 -15.29
CA TYR B 161 25.24 -2.06 -15.99
C TYR B 161 25.79 -3.47 -16.14
N ASP B 162 27.04 -3.59 -16.61
CA ASP B 162 27.63 -4.90 -16.79
C ASP B 162 27.75 -5.67 -15.48
N LYS B 163 28.11 -4.97 -14.39
CA LYS B 163 28.20 -5.63 -13.09
C LYS B 163 26.83 -6.13 -12.63
N LEU B 164 25.79 -5.33 -12.85
CA LEU B 164 24.44 -5.70 -12.44
C LEU B 164 23.94 -6.91 -13.24
N VAL B 165 24.09 -6.87 -14.56
CA VAL B 165 23.59 -7.95 -15.40
C VAL B 165 24.40 -9.22 -15.18
N SER B 166 25.72 -9.09 -15.18
CA SER B 166 26.58 -10.27 -15.12
C SER B 166 26.44 -10.99 -13.78
N SER B 167 26.09 -10.29 -12.71
CA SER B 167 25.96 -10.89 -11.39
C SER B 167 24.52 -11.27 -11.02
N PHE B 168 23.53 -10.90 -11.84
CA PHE B 168 22.14 -11.19 -11.49
C PHE B 168 21.85 -12.69 -11.50
N LEU B 169 22.50 -13.41 -12.40
CA LEU B 169 22.27 -14.84 -12.57
C LEU B 169 23.51 -15.57 -13.06
#